data_6IXO
#
_entry.id   6IXO
#
_cell.length_a   50.660
_cell.length_b   72.164
_cell.length_c   168.324
_cell.angle_alpha   90.000
_cell.angle_beta   90.000
_cell.angle_gamma   90.000
#
_symmetry.space_group_name_H-M   'P 21 21 21'
#
loop_
_entity.id
_entity.type
_entity.pdbx_description
1 polymer Myosin-2
2 non-polymer 'SULFATE ION'
3 non-polymer 'CHLORIDE ION'
4 water water
#
_entity_poly.entity_id   1
_entity_poly.type   'polypeptide(L)'
_entity_poly.pdbx_seq_one_letter_code
;GPGSNATQINEELYRLLEDTEILNQEITEGLLKGFEVPDAGVAIQLSKRDVVYPARILIIVLSEMWRFGLTKQSESFLAQ
VLTTIQKVVTQLKGNDLIPSGVFWLANVRELYSFVVFALNSILTEETFKNGMTDEEYKEYVSLVTELKDDFEALSYNIYN
IWLKKLQKQLQKKAINAVVISESLPGFSAGETSGANTEEYTMDDILTFFNSIYWCMKSFHIENEVFHAVVTTLLNYVDAI
CFNELIMKRNFLSWKRGLQLNYNVTRLEEWCKTHGLTDGTECLQHLIQTAKLLQVRKYTIEDIDILRGICYSLTPAQLQK
LISQYQVADYESPIPQEILRYVADIVKKEAALSSSGNDSKGHEHSSSIFITPETGPFTDPFSLIKTRKFDQVEAYIPAWL
SLPSTKRIVDLVAQQVVQDGH
;
_entity_poly.pdbx_strand_id   A
#
# COMPACT_ATOMS: atom_id res chain seq x y z
N ASN A 5 4.40 45.90 -12.07
CA ASN A 5 5.62 45.96 -12.88
C ASN A 5 6.33 44.61 -12.87
N ALA A 6 6.56 44.08 -14.07
CA ALA A 6 7.19 42.77 -14.26
C ALA A 6 8.60 42.69 -13.68
N THR A 7 9.36 43.77 -13.80
CA THR A 7 10.73 43.79 -13.34
C THR A 7 10.81 43.77 -11.82
N GLN A 8 9.95 44.55 -11.16
CA GLN A 8 9.89 44.57 -9.71
C GLN A 8 9.38 43.23 -9.15
N ILE A 9 8.39 42.63 -9.80
CA ILE A 9 7.96 41.28 -9.43
C ILE A 9 9.11 40.30 -9.60
N ASN A 10 9.81 40.40 -10.73
CA ASN A 10 10.95 39.51 -10.93
C ASN A 10 12.08 39.69 -9.93
N GLU A 11 12.41 40.93 -9.61
CA GLU A 11 13.45 41.14 -8.61
C GLU A 11 13.06 40.53 -7.27
N GLU A 12 11.84 40.82 -6.81
CA GLU A 12 11.39 40.30 -5.52
C GLU A 12 11.37 38.78 -5.54
N LEU A 13 10.92 38.18 -6.65
CA LEU A 13 10.88 36.72 -6.75
C LEU A 13 12.28 36.17 -6.59
N TYR A 14 13.22 36.82 -7.28
CA TYR A 14 14.58 36.36 -7.31
C TYR A 14 15.21 36.35 -5.93
N ARG A 15 15.04 37.43 -5.19
CA ARG A 15 15.55 37.48 -3.82
C ARG A 15 14.87 36.46 -2.92
N LEU A 16 13.59 36.18 -3.16
CA LEU A 16 12.93 35.13 -2.32
C LEU A 16 13.54 33.77 -2.61
N LEU A 17 13.84 33.52 -3.88
CA LEU A 17 14.26 32.18 -4.26
C LEU A 17 15.74 31.91 -3.95
N GLU A 18 16.59 32.94 -4.01
CA GLU A 18 18.00 32.73 -3.73
C GLU A 18 18.26 32.56 -2.22
N ASP A 19 17.32 32.99 -1.39
CA ASP A 19 17.47 32.88 0.05
C ASP A 19 17.03 31.49 0.53
N THR A 20 17.75 30.46 0.11
CA THR A 20 17.35 29.09 0.44
C THR A 20 17.37 28.77 1.93
N GLU A 21 18.17 29.48 2.72
CA GLU A 21 18.16 29.25 4.17
C GLU A 21 16.77 29.37 4.75
N ILE A 22 16.13 30.51 4.50
CA ILE A 22 14.78 30.73 4.98
C ILE A 22 13.81 29.83 4.23
N LEU A 23 13.93 29.78 2.90
CA LEU A 23 12.98 28.97 2.15
C LEU A 23 13.03 27.46 2.46
N ASN A 24 14.22 26.86 2.57
CA ASN A 24 14.27 25.41 2.79
C ASN A 24 13.64 25.08 4.15
N GLN A 25 13.83 25.95 5.13
CA GLN A 25 13.31 25.71 6.49
C GLN A 25 11.77 25.73 6.51
N GLU A 26 11.20 26.73 5.83
CA GLU A 26 9.76 26.82 5.62
C GLU A 26 9.20 25.60 4.96
N ILE A 27 9.86 25.18 3.89
CA ILE A 27 9.36 24.03 3.14
C ILE A 27 9.49 22.74 3.95
N THR A 28 10.67 22.50 4.51
CA THR A 28 10.85 21.20 5.18
C THR A 28 10.10 21.13 6.52
N GLU A 29 10.14 22.20 7.30
CA GLU A 29 9.51 22.15 8.61
C GLU A 29 8.02 22.51 8.54
N GLY A 30 7.63 23.47 7.71
CA GLY A 30 6.24 23.93 7.66
C GLY A 30 5.38 23.12 6.70
N LEU A 31 5.81 22.99 5.46
CA LEU A 31 4.97 22.38 4.44
C LEU A 31 5.04 20.86 4.52
N LEU A 32 6.24 20.33 4.61
CA LEU A 32 6.37 18.88 4.51
C LEU A 32 6.13 18.20 5.88
N LYS A 33 6.93 18.50 6.90
CA LYS A 33 6.72 17.82 8.19
C LYS A 33 5.39 18.26 8.79
N GLY A 34 4.89 19.41 8.37
CA GLY A 34 3.66 19.96 8.94
C GLY A 34 2.42 19.63 8.12
N PHE A 35 2.52 18.69 7.18
CA PHE A 35 1.39 18.34 6.33
C PHE A 35 0.12 17.96 7.15
N GLU A 36 -1.03 18.29 6.57
CA GLU A 36 -2.35 17.92 7.10
C GLU A 36 -3.11 17.18 6.01
N VAL A 37 -3.66 16.02 6.35
CA VAL A 37 -4.33 15.22 5.35
C VAL A 37 -5.81 15.61 5.32
N PRO A 38 -6.42 15.70 4.13
CA PRO A 38 -7.88 15.96 4.16
C PRO A 38 -8.70 14.71 4.49
N ASP A 39 -9.97 14.89 4.84
CA ASP A 39 -10.85 13.76 5.19
C ASP A 39 -11.22 12.83 4.03
N ALA A 40 -11.28 11.53 4.28
CA ALA A 40 -11.68 10.55 3.25
C ALA A 40 -12.92 9.73 3.65
N GLY A 41 -13.69 9.28 2.64
CA GLY A 41 -14.93 8.56 2.89
C GLY A 41 -16.02 8.79 1.85
N VAL A 42 -17.14 8.09 2.04
CA VAL A 42 -18.21 8.00 1.04
C VAL A 42 -18.84 9.34 0.64
N ALA A 43 -19.09 10.22 1.60
CA ALA A 43 -19.77 11.48 1.30
C ALA A 43 -18.78 12.64 1.07
N ILE A 44 -17.55 12.30 0.74
CA ILE A 44 -16.50 13.30 0.64
C ILE A 44 -16.07 13.57 -0.80
N GLN A 45 -16.03 14.85 -1.16
CA GLN A 45 -15.68 15.25 -2.51
C GLN A 45 -14.49 16.20 -2.50
N LEU A 46 -13.29 15.64 -2.62
CA LEU A 46 -12.07 16.44 -2.65
C LEU A 46 -11.67 16.79 -4.04
N SER A 47 -11.30 18.05 -4.26
CA SER A 47 -10.60 18.41 -5.48
C SER A 47 -9.17 17.89 -5.40
N LYS A 48 -8.50 17.76 -6.55
CA LYS A 48 -7.15 17.27 -6.55
C LYS A 48 -6.23 18.24 -5.82
N ARG A 49 -6.53 19.54 -5.88
CA ARG A 49 -5.62 20.49 -5.24
C ARG A 49 -5.58 20.34 -3.71
N ASP A 50 -6.65 19.84 -3.08
CA ASP A 50 -6.68 19.61 -1.63
C ASP A 50 -5.80 18.43 -1.21
N VAL A 51 -5.55 17.53 -2.16
CA VAL A 51 -4.78 16.35 -1.90
C VAL A 51 -3.29 16.59 -2.19
N VAL A 52 -2.99 17.21 -3.33
CA VAL A 52 -1.60 17.33 -3.67
C VAL A 52 -1.09 18.78 -3.48
N TYR A 53 -1.58 19.47 -2.44
CA TYR A 53 -1.16 20.89 -2.29
C TYR A 53 0.36 21.01 -2.03
N PRO A 54 1.00 20.06 -1.31
CA PRO A 54 2.45 20.21 -1.16
C PRO A 54 3.19 20.05 -2.47
N ALA A 55 2.85 19.03 -3.25
CA ALA A 55 3.51 18.89 -4.55
C ALA A 55 3.32 20.13 -5.44
N ARG A 56 2.12 20.70 -5.48
CA ARG A 56 1.88 21.82 -6.40
C ARG A 56 2.71 23.01 -5.94
N ILE A 57 2.78 23.22 -4.64
CA ILE A 57 3.61 24.32 -4.14
C ILE A 57 5.11 24.12 -4.51
N LEU A 58 5.62 22.92 -4.29
CA LEU A 58 6.99 22.57 -4.64
C LEU A 58 7.27 22.79 -6.12
N ILE A 59 6.31 22.39 -6.95
CA ILE A 59 6.42 22.54 -8.39
C ILE A 59 6.54 24.02 -8.78
N ILE A 60 5.77 24.89 -8.13
CA ILE A 60 5.86 26.31 -8.48
C ILE A 60 7.24 26.86 -8.12
N VAL A 61 7.67 26.58 -6.89
CA VAL A 61 8.97 27.02 -6.41
C VAL A 61 10.08 26.50 -7.30
N LEU A 62 10.05 25.20 -7.58
CA LEU A 62 11.08 24.55 -8.38
C LEU A 62 11.22 25.16 -9.75
N SER A 63 10.10 25.29 -10.42
CA SER A 63 10.13 25.81 -11.75
C SER A 63 10.56 27.28 -11.77
N GLU A 64 10.24 28.05 -10.73
CA GLU A 64 10.69 29.45 -10.71
C GLU A 64 12.20 29.49 -10.57
N MET A 65 12.72 28.60 -9.72
CA MET A 65 14.17 28.50 -9.58
C MET A 65 14.83 28.19 -10.92
N TRP A 66 14.29 27.23 -11.66
CA TRP A 66 14.84 26.94 -12.98
C TRP A 66 14.73 28.12 -13.93
N ARG A 67 13.55 28.73 -13.97
CA ARG A 67 13.31 29.90 -14.82
C ARG A 67 14.36 31.01 -14.60
N PHE A 68 14.78 31.18 -13.36
CA PHE A 68 15.77 32.21 -13.05
C PHE A 68 17.17 31.64 -13.10
N GLY A 69 17.31 30.39 -13.53
CA GLY A 69 18.60 29.73 -13.58
C GLY A 69 19.26 29.53 -12.23
N LEU A 70 18.45 29.43 -11.18
CA LEU A 70 19.01 29.14 -9.86
C LEU A 70 19.14 27.64 -9.71
N THR A 71 19.95 27.06 -10.59
CA THR A 71 20.05 25.61 -10.69
C THR A 71 20.70 25.03 -9.43
N LYS A 72 21.69 25.73 -8.88
CA LYS A 72 22.30 25.32 -7.61
C LYS A 72 21.33 25.42 -6.43
N GLN A 73 20.50 26.46 -6.39
CA GLN A 73 19.52 26.59 -5.33
C GLN A 73 18.52 25.44 -5.44
N SER A 74 18.18 25.04 -6.66
CA SER A 74 17.19 23.98 -6.86
C SER A 74 17.74 22.66 -6.39
N GLU A 75 19.03 22.43 -6.60
CA GLU A 75 19.62 21.17 -6.20
C GLU A 75 19.62 21.03 -4.66
N SER A 76 20.00 22.10 -3.97
CA SER A 76 19.93 22.20 -2.52
C SER A 76 18.51 21.96 -2.00
N PHE A 77 17.57 22.71 -2.55
CA PHE A 77 16.15 22.60 -2.24
C PHE A 77 15.64 21.15 -2.43
N LEU A 78 15.97 20.55 -3.57
CA LEU A 78 15.48 19.21 -3.91
C LEU A 78 16.04 18.14 -2.98
N ALA A 79 17.32 18.21 -2.68
CA ALA A 79 17.91 17.24 -1.76
C ALA A 79 17.21 17.28 -0.41
N GLN A 80 16.89 18.49 0.07
CA GLN A 80 16.12 18.62 1.30
C GLN A 80 14.70 18.05 1.18
N VAL A 81 14.05 18.34 0.07
CA VAL A 81 12.70 17.84 -0.16
C VAL A 81 12.71 16.29 -0.18
N LEU A 82 13.65 15.70 -0.92
CA LEU A 82 13.66 14.23 -1.04
C LEU A 82 13.87 13.55 0.33
N THR A 83 14.85 14.05 1.07
CA THR A 83 15.20 13.53 2.39
C THR A 83 14.01 13.64 3.33
N THR A 84 13.39 14.82 3.32
CA THR A 84 12.33 15.10 4.28
C THR A 84 11.11 14.24 4.02
N ILE A 85 10.73 14.10 2.76
CA ILE A 85 9.53 13.31 2.50
C ILE A 85 9.78 11.87 2.92
N GLN A 86 10.93 11.33 2.55
CA GLN A 86 11.18 9.93 2.88
C GLN A 86 11.17 9.77 4.40
N LYS A 87 11.83 10.72 5.08
CA LYS A 87 11.85 10.71 6.54
C LYS A 87 10.44 10.78 7.13
N VAL A 88 9.61 11.64 6.56
CA VAL A 88 8.24 11.74 7.05
C VAL A 88 7.51 10.40 6.90
N VAL A 89 7.72 9.71 5.78
CA VAL A 89 6.96 8.46 5.62
C VAL A 89 7.53 7.39 6.59
N THR A 90 8.82 7.46 6.88
CA THR A 90 9.48 6.52 7.78
C THR A 90 8.92 6.60 9.21
N GLN A 91 8.41 7.76 9.56
CA GLN A 91 7.91 8.03 10.91
C GLN A 91 6.40 7.81 11.04
N LEU A 92 5.73 7.44 9.95
CA LEU A 92 4.29 7.23 10.03
C LEU A 92 3.95 6.04 10.93
N LYS A 93 2.90 6.18 11.73
CA LYS A 93 2.49 5.07 12.57
C LYS A 93 1.05 5.22 13.02
N GLY A 94 0.45 4.14 13.51
CA GLY A 94 -0.83 4.26 14.18
C GLY A 94 -2.01 4.53 13.27
N ASN A 95 -2.96 5.29 13.80
CA ASN A 95 -4.24 5.54 13.15
C ASN A 95 -4.10 6.35 11.88
N ASP A 96 -3.02 7.11 11.80
CA ASP A 96 -2.75 7.96 10.65
C ASP A 96 -2.06 7.25 9.50
N LEU A 97 -1.63 6.02 9.75
CA LEU A 97 -0.77 5.33 8.79
C LEU A 97 -1.35 5.24 7.39
N ILE A 98 -2.61 4.86 7.26
CA ILE A 98 -3.17 4.66 5.93
C ILE A 98 -3.41 6.02 5.23
N PRO A 99 -4.19 6.94 5.84
CA PRO A 99 -4.37 8.20 5.09
C PRO A 99 -3.05 8.95 4.85
N SER A 100 -2.13 9.00 5.82
CA SER A 100 -0.91 9.78 5.57
C SER A 100 -0.08 9.12 4.50
N GLY A 101 -0.06 7.80 4.48
CA GLY A 101 0.74 7.14 3.44
C GLY A 101 0.17 7.37 2.06
N VAL A 102 -1.14 7.29 1.92
CA VAL A 102 -1.72 7.47 0.59
C VAL A 102 -1.51 8.92 0.13
N PHE A 103 -1.68 9.82 1.08
CA PHE A 103 -1.43 11.26 0.86
C PHE A 103 -0.05 11.46 0.25
N TRP A 104 0.97 10.89 0.89
CA TRP A 104 2.33 11.10 0.39
C TRP A 104 2.57 10.37 -0.93
N LEU A 105 1.97 9.20 -1.11
CA LEU A 105 2.04 8.55 -2.42
C LEU A 105 1.48 9.46 -3.51
N ALA A 106 0.33 10.09 -3.24
CA ALA A 106 -0.30 10.97 -4.23
C ALA A 106 0.67 12.13 -4.57
N ASN A 107 1.27 12.69 -3.53
CA ASN A 107 2.10 13.88 -3.72
C ASN A 107 3.40 13.59 -4.46
N VAL A 108 4.00 12.46 -4.12
CA VAL A 108 5.25 12.07 -4.80
C VAL A 108 4.92 11.68 -6.24
N ARG A 109 3.76 11.06 -6.46
CA ARG A 109 3.37 10.78 -7.85
C ARG A 109 3.19 12.10 -8.62
N GLU A 110 2.65 13.11 -7.96
CA GLU A 110 2.42 14.37 -8.67
C GLU A 110 3.79 15.02 -9.02
N LEU A 111 4.74 14.92 -8.10
CA LEU A 111 6.08 15.48 -8.31
C LEU A 111 6.79 14.74 -9.43
N TYR A 112 6.70 13.42 -9.42
CA TYR A 112 7.40 12.63 -10.41
C TYR A 112 6.81 12.95 -11.77
N SER A 113 5.48 13.06 -11.80
CA SER A 113 4.81 13.33 -13.05
C SER A 113 5.21 14.71 -13.58
N PHE A 114 5.39 15.66 -12.68
CA PHE A 114 5.85 16.96 -13.12
C PHE A 114 7.23 16.88 -13.75
N VAL A 115 8.15 16.15 -13.12
CA VAL A 115 9.52 16.12 -13.58
C VAL A 115 9.57 15.45 -14.95
N VAL A 116 8.78 14.40 -15.12
CA VAL A 116 8.68 13.74 -16.42
C VAL A 116 8.18 14.72 -17.45
N PHE A 117 7.18 15.50 -17.06
CA PHE A 117 6.64 16.48 -17.97
C PHE A 117 7.70 17.53 -18.30
N ALA A 118 8.48 17.93 -17.29
CA ALA A 118 9.44 19.04 -17.51
C ALA A 118 10.58 18.57 -18.40
N LEU A 119 11.00 17.32 -18.18
CA LEU A 119 12.07 16.75 -18.97
C LEU A 119 11.68 16.65 -20.43
N ASN A 120 10.47 16.17 -20.69
CA ASN A 120 10.01 16.10 -22.08
CA ASN A 120 9.99 16.08 -22.06
C ASN A 120 9.87 17.48 -22.67
N SER A 121 9.43 18.45 -21.88
CA SER A 121 9.29 19.81 -22.38
C SER A 121 10.65 20.42 -22.74
N ILE A 122 11.65 20.10 -21.92
CA ILE A 122 13.02 20.58 -22.11
C ILE A 122 13.64 19.99 -23.37
N LEU A 123 13.47 18.68 -23.55
CA LEU A 123 14.07 17.97 -24.67
C LEU A 123 13.39 18.30 -25.99
N THR A 124 12.11 18.64 -25.91
CA THR A 124 11.29 18.89 -27.09
C THR A 124 11.26 20.35 -27.53
N GLU A 125 11.11 21.27 -26.59
CA GLU A 125 10.88 22.68 -26.94
C GLU A 125 12.12 23.54 -26.78
N GLU A 126 12.84 23.32 -25.67
CA GLU A 126 13.98 24.17 -25.30
C GLU A 126 15.28 23.70 -25.94
N MET A 132 22.85 30.10 -20.05
CA MET A 132 22.18 29.76 -21.29
C MET A 132 23.17 29.13 -22.28
N THR A 133 24.39 28.86 -21.83
CA THR A 133 25.39 28.21 -22.69
C THR A 133 24.82 26.88 -23.11
N ASP A 134 25.10 26.46 -24.35
CA ASP A 134 24.54 25.17 -24.75
C ASP A 134 25.16 24.06 -23.86
N GLU A 135 26.30 24.34 -23.24
CA GLU A 135 26.92 23.40 -22.32
C GLU A 135 26.31 23.49 -20.92
N GLU A 136 25.79 24.67 -20.57
CA GLU A 136 25.01 24.81 -19.35
C GLU A 136 23.66 24.09 -19.50
N TYR A 137 23.06 24.20 -20.69
CA TYR A 137 21.83 23.48 -21.03
C TYR A 137 22.05 21.97 -20.86
N LYS A 138 23.20 21.49 -21.30
CA LYS A 138 23.65 20.09 -21.10
C LYS A 138 23.63 19.66 -19.63
N GLU A 139 24.20 20.50 -18.78
CA GLU A 139 24.23 20.27 -17.35
C GLU A 139 22.81 20.32 -16.81
N TYR A 140 21.98 21.17 -17.41
CA TYR A 140 20.60 21.29 -17.01
C TYR A 140 19.78 20.02 -17.31
N VAL A 141 19.89 19.53 -18.55
CA VAL A 141 19.19 18.32 -18.94
C VAL A 141 19.62 17.18 -18.02
N SER A 142 20.91 17.19 -17.68
CA SER A 142 21.51 16.15 -16.84
C SER A 142 20.95 16.21 -15.42
N LEU A 143 20.78 17.42 -14.91
CA LEU A 143 20.16 17.64 -13.61
C LEU A 143 18.72 17.15 -13.53
N VAL A 144 17.92 17.49 -14.54
CA VAL A 144 16.52 17.12 -14.50
C VAL A 144 16.39 15.61 -14.69
N THR A 145 17.27 15.04 -15.51
CA THR A 145 17.24 13.60 -15.70
C THR A 145 17.53 12.88 -14.38
N GLU A 146 18.52 13.35 -13.62
CA GLU A 146 18.84 12.77 -12.31
C GLU A 146 17.70 12.97 -11.35
N LEU A 147 17.02 14.11 -11.48
CA LEU A 147 15.90 14.39 -10.58
C LEU A 147 14.74 13.42 -10.85
N LYS A 148 14.53 13.11 -12.13
CA LYS A 148 13.53 12.07 -12.49
C LYS A 148 13.86 10.74 -11.83
N ASP A 149 15.11 10.29 -11.97
CA ASP A 149 15.54 9.07 -11.24
C ASP A 149 15.37 9.17 -9.73
N ASP A 150 15.72 10.31 -9.14
CA ASP A 150 15.56 10.49 -7.69
C ASP A 150 14.09 10.41 -7.25
N PHE A 151 13.17 10.99 -8.01
CA PHE A 151 11.75 10.85 -7.63
C PHE A 151 11.20 9.45 -7.89
N GLU A 152 11.69 8.80 -8.93
CA GLU A 152 11.34 7.40 -9.14
C GLU A 152 11.78 6.55 -7.94
N ALA A 153 13.01 6.77 -7.49
CA ALA A 153 13.52 6.08 -6.30
C ALA A 153 12.70 6.45 -5.07
N LEU A 154 12.39 7.73 -4.90
CA LEU A 154 11.57 8.14 -3.74
C LEU A 154 10.21 7.41 -3.71
N SER A 155 9.53 7.40 -4.86
CA SER A 155 8.23 6.74 -4.97
C SER A 155 8.37 5.25 -4.55
N TYR A 156 9.37 4.57 -5.08
CA TYR A 156 9.66 3.17 -4.75
C TYR A 156 9.87 2.98 -3.26
N ASN A 157 10.73 3.83 -2.71
CA ASN A 157 11.08 3.80 -1.30
C ASN A 157 9.88 4.01 -0.42
N ILE A 158 9.11 5.06 -0.66
CA ILE A 158 8.02 5.31 0.28
C ILE A 158 6.89 4.28 0.07
N TYR A 159 6.77 3.74 -1.13
CA TYR A 159 5.76 2.69 -1.36
C TYR A 159 6.12 1.46 -0.49
N ASN A 160 7.41 1.11 -0.51
CA ASN A 160 7.86 -0.07 0.25
C ASN A 160 7.90 0.14 1.74
N ILE A 161 8.28 1.33 2.15
CA ILE A 161 8.28 1.66 3.58
C ILE A 161 6.86 1.56 4.12
N TRP A 162 5.93 2.13 3.38
CA TRP A 162 4.53 2.15 3.78
C TRP A 162 3.92 0.76 3.79
N LEU A 163 4.15 0.02 2.72
CA LEU A 163 3.53 -1.29 2.56
C LEU A 163 4.01 -2.22 3.71
N LYS A 164 5.28 -2.12 4.07
CA LYS A 164 5.79 -2.93 5.16
C LYS A 164 5.11 -2.58 6.48
N LYS A 165 4.91 -1.29 6.72
CA LYS A 165 4.19 -0.88 7.93
C LYS A 165 2.76 -1.40 7.93
N LEU A 166 2.11 -1.38 6.77
CA LEU A 166 0.78 -1.97 6.66
C LEU A 166 0.78 -3.46 7.03
N GLN A 167 1.74 -4.20 6.50
CA GLN A 167 1.88 -5.62 6.86
C GLN A 167 2.02 -5.82 8.35
N LYS A 168 2.86 -5.03 9.01
CA LYS A 168 3.03 -5.20 10.46
C LYS A 168 1.73 -4.94 11.22
N GLN A 169 0.95 -3.93 10.80
CA GLN A 169 -0.34 -3.70 11.45
C GLN A 169 -1.24 -4.88 11.27
N LEU A 170 -1.16 -5.51 10.10
CA LEU A 170 -1.92 -6.78 9.93
C LEU A 170 -1.36 -7.95 10.72
N GLN A 171 -0.04 -8.06 10.85
CA GLN A 171 0.53 -9.11 11.67
CA GLN A 171 0.54 -9.10 11.67
C GLN A 171 -0.07 -8.97 13.07
N LYS A 172 -0.24 -7.73 13.50
CA LYS A 172 -0.74 -7.42 14.82
C LYS A 172 -2.23 -7.77 15.00
N LYS A 173 -3.03 -7.52 13.98
CA LYS A 173 -4.49 -7.61 14.13
C LYS A 173 -5.13 -8.83 13.48
N ALA A 174 -4.61 -9.26 12.33
CA ALA A 174 -5.31 -10.22 11.48
C ALA A 174 -5.26 -11.60 12.07
N ILE A 175 -4.16 -11.91 12.73
CA ILE A 175 -4.07 -13.23 13.30
C ILE A 175 -5.14 -13.44 14.37
N ASN A 176 -5.28 -12.47 15.26
CA ASN A 176 -6.32 -12.63 16.28
C ASN A 176 -7.72 -12.59 15.63
N ALA A 177 -7.90 -11.65 14.70
CA ALA A 177 -9.23 -11.47 14.08
C ALA A 177 -9.67 -12.71 13.27
N VAL A 178 -8.77 -13.23 12.44
CA VAL A 178 -9.12 -14.34 11.55
C VAL A 178 -9.12 -15.69 12.29
N VAL A 179 -8.04 -15.94 13.03
CA VAL A 179 -7.78 -17.28 13.59
C VAL A 179 -8.42 -17.49 14.95
N ILE A 180 -8.35 -16.48 15.79
CA ILE A 180 -8.71 -16.64 17.20
C ILE A 180 -10.12 -16.11 17.54
N SER A 181 -10.45 -14.88 17.10
CA SER A 181 -11.73 -14.25 17.51
C SER A 181 -12.92 -15.07 17.01
N GLU A 182 -13.94 -15.17 17.85
CA GLU A 182 -15.08 -15.98 17.52
C GLU A 182 -16.12 -15.14 16.81
N SER A 183 -16.36 -15.47 15.55
CA SER A 183 -17.55 -15.00 14.85
C SER A 183 -18.80 -15.48 15.58
N LEU A 184 -18.71 -16.62 16.25
CA LEU A 184 -19.82 -17.07 17.08
C LEU A 184 -19.38 -17.18 18.53
N PRO A 185 -19.45 -16.06 19.26
CA PRO A 185 -19.01 -16.03 20.66
C PRO A 185 -19.64 -17.18 21.48
N GLY A 186 -18.81 -17.93 22.19
CA GLY A 186 -19.25 -19.04 23.03
C GLY A 186 -19.43 -20.39 22.35
N PHE A 187 -19.40 -20.39 21.02
CA PHE A 187 -19.64 -21.57 20.19
C PHE A 187 -18.70 -22.73 20.51
N SER A 188 -17.41 -22.43 20.59
CA SER A 188 -16.41 -23.45 20.88
C SER A 188 -16.35 -23.75 22.38
N GLU A 199 -9.81 -9.41 21.32
CA GLU A 199 -9.46 -8.00 21.19
C GLU A 199 -9.66 -7.48 19.77
N TYR A 200 -8.87 -7.95 18.81
CA TYR A 200 -9.13 -7.56 17.40
C TYR A 200 -10.13 -8.54 16.78
N THR A 201 -11.09 -8.00 16.03
CA THR A 201 -12.13 -8.82 15.38
C THR A 201 -12.12 -8.54 13.89
N MET A 202 -12.85 -9.34 13.13
CA MET A 202 -12.99 -9.12 11.69
C MET A 202 -13.47 -7.73 11.39
N ASP A 203 -14.28 -7.14 12.25
CA ASP A 203 -14.67 -5.74 12.02
C ASP A 203 -13.46 -4.81 11.95
N ASP A 204 -12.45 -5.10 12.74
CA ASP A 204 -11.28 -4.24 12.71
C ASP A 204 -10.54 -4.43 11.41
N ILE A 205 -10.54 -5.67 10.90
CA ILE A 205 -9.86 -5.95 9.64
C ILE A 205 -10.59 -5.30 8.47
N LEU A 206 -11.92 -5.41 8.48
CA LEU A 206 -12.70 -4.77 7.43
C LEU A 206 -12.52 -3.24 7.47
N THR A 207 -12.51 -2.67 8.67
CA THR A 207 -12.29 -1.22 8.81
C THR A 207 -10.98 -0.82 8.17
N PHE A 208 -9.97 -1.63 8.40
CA PHE A 208 -8.62 -1.39 7.88
C PHE A 208 -8.57 -1.39 6.36
N PHE A 209 -9.11 -2.45 5.74
CA PHE A 209 -9.17 -2.48 4.29
C PHE A 209 -10.14 -1.41 3.72
N ASN A 210 -11.26 -1.16 4.38
CA ASN A 210 -12.11 -0.04 3.93
C ASN A 210 -11.38 1.30 3.89
N SER A 211 -10.51 1.49 4.87
CA SER A 211 -9.78 2.75 4.99
C SER A 211 -8.82 2.87 3.82
N ILE A 212 -8.16 1.76 3.46
CA ILE A 212 -7.32 1.79 2.27
C ILE A 212 -8.15 2.14 1.05
N TYR A 213 -9.28 1.45 0.90
CA TYR A 213 -10.15 1.73 -0.24
C TYR A 213 -10.57 3.18 -0.34
N TRP A 214 -11.11 3.74 0.75
CA TRP A 214 -11.70 5.09 0.66
C TRP A 214 -10.64 6.19 0.57
N CYS A 215 -9.46 5.99 1.19
CA CYS A 215 -8.36 6.97 1.08
C CYS A 215 -7.86 7.01 -0.36
N MET A 216 -7.70 5.82 -0.95
CA MET A 216 -7.29 5.76 -2.35
C MET A 216 -8.32 6.32 -3.29
N LYS A 217 -9.58 5.99 -3.06
CA LYS A 217 -10.65 6.58 -3.87
C LYS A 217 -10.74 8.11 -3.74
N SER A 218 -10.76 8.58 -2.49
CA SER A 218 -10.98 10.00 -2.24
C SER A 218 -9.78 10.79 -2.68
N PHE A 219 -8.59 10.20 -2.59
CA PHE A 219 -7.37 10.94 -2.92
C PHE A 219 -6.99 10.77 -4.38
N HIS A 220 -7.93 10.25 -5.17
CA HIS A 220 -7.78 10.12 -6.62
C HIS A 220 -6.58 9.26 -7.00
N ILE A 221 -6.37 8.16 -6.29
CA ILE A 221 -5.26 7.28 -6.59
C ILE A 221 -5.67 6.32 -7.69
N GLU A 222 -4.77 6.08 -8.63
CA GLU A 222 -5.01 5.17 -9.74
C GLU A 222 -5.40 3.73 -9.25
N ASN A 223 -6.47 3.16 -9.82
CA ASN A 223 -6.99 1.87 -9.34
CA ASN A 223 -7.00 1.86 -9.39
C ASN A 223 -5.98 0.72 -9.38
N GLU A 224 -5.03 0.76 -10.31
CA GLU A 224 -3.98 -0.28 -10.33
C GLU A 224 -3.20 -0.33 -9.03
N VAL A 225 -3.04 0.82 -8.41
CA VAL A 225 -2.24 0.89 -7.21
C VAL A 225 -3.02 0.27 -6.04
N PHE A 226 -4.31 0.59 -6.00
CA PHE A 226 -5.19 -0.03 -5.01
C PHE A 226 -5.15 -1.56 -5.15
N HIS A 227 -5.27 -2.05 -6.40
CA HIS A 227 -5.24 -3.49 -6.62
CA HIS A 227 -5.22 -3.50 -6.64
C HIS A 227 -3.93 -4.10 -6.11
N ALA A 228 -2.80 -3.44 -6.36
CA ALA A 228 -1.50 -4.02 -5.94
C ALA A 228 -1.40 -4.07 -4.44
N VAL A 229 -1.76 -2.96 -3.80
CA VAL A 229 -1.62 -2.89 -2.35
C VAL A 229 -2.48 -3.94 -1.67
N VAL A 230 -3.73 -4.02 -2.09
CA VAL A 230 -4.62 -4.94 -1.39
C VAL A 230 -4.33 -6.41 -1.69
N THR A 231 -3.97 -6.72 -2.93
CA THR A 231 -3.65 -8.13 -3.20
CA THR A 231 -3.57 -8.09 -3.29
C THR A 231 -2.36 -8.54 -2.46
N THR A 232 -1.39 -7.63 -2.33
CA THR A 232 -0.20 -7.93 -1.50
C THR A 232 -0.63 -8.19 -0.06
N LEU A 233 -1.53 -7.37 0.46
CA LEU A 233 -1.91 -7.54 1.86
C LEU A 233 -2.78 -8.78 2.12
N LEU A 234 -3.70 -9.08 1.20
CA LEU A 234 -4.52 -10.30 1.32
C LEU A 234 -3.68 -11.56 1.26
N ASN A 235 -2.75 -11.63 0.30
CA ASN A 235 -1.82 -12.77 0.26
C ASN A 235 -1.07 -12.93 1.58
N TYR A 236 -0.69 -11.79 2.13
CA TYR A 236 0.02 -11.73 3.40
C TYR A 236 -0.85 -12.29 4.53
N VAL A 237 -2.06 -11.78 4.64
CA VAL A 237 -3.00 -12.30 5.66
C VAL A 237 -3.17 -13.83 5.51
N ASP A 238 -3.34 -14.26 4.28
CA ASP A 238 -3.50 -15.69 3.99
C ASP A 238 -2.32 -16.47 4.56
N ALA A 239 -1.10 -16.04 4.26
CA ALA A 239 0.11 -16.80 4.65
C ALA A 239 0.24 -16.84 6.15
N ILE A 240 0.18 -15.67 6.79
CA ILE A 240 0.52 -15.63 8.23
C ILE A 240 -0.60 -16.29 9.04
N CYS A 241 -1.87 -16.15 8.61
CA CYS A 241 -2.95 -16.85 9.36
C CYS A 241 -2.92 -18.37 9.15
N PHE A 242 -2.68 -18.79 7.91
CA PHE A 242 -2.53 -20.22 7.63
C PHE A 242 -1.43 -20.84 8.52
N ASN A 243 -0.29 -20.17 8.58
CA ASN A 243 0.83 -20.68 9.32
C ASN A 243 0.46 -20.83 10.79
N GLU A 244 -0.32 -19.90 11.32
CA GLU A 244 -0.72 -20.04 12.73
C GLU A 244 -1.66 -21.21 12.87
N LEU A 245 -2.60 -21.32 11.95
CA LEU A 245 -3.57 -22.38 12.02
C LEU A 245 -2.89 -23.74 11.97
N ILE A 246 -1.93 -23.90 11.08
CA ILE A 246 -1.44 -25.27 10.85
C ILE A 246 -0.57 -25.78 12.02
N MET A 247 -0.10 -24.87 12.88
CA MET A 247 0.66 -25.31 14.07
C MET A 247 -0.23 -25.74 15.24
N LYS A 248 -1.53 -25.45 15.18
CA LYS A 248 -2.33 -25.61 16.39
C LYS A 248 -2.79 -27.07 16.53
N ARG A 249 -2.48 -27.67 17.66
CA ARG A 249 -2.72 -29.11 17.79
C ARG A 249 -3.92 -29.43 18.65
N ASN A 250 -4.42 -28.43 19.35
CA ASN A 250 -5.63 -28.78 20.12
C ASN A 250 -6.72 -27.72 19.86
N PHE A 251 -7.08 -27.54 18.59
CA PHE A 251 -7.80 -26.34 18.21
C PHE A 251 -8.67 -26.52 16.97
N LEU A 252 -8.14 -27.24 15.99
CA LEU A 252 -8.82 -27.39 14.71
C LEU A 252 -9.97 -28.39 14.90
N SER A 253 -11.17 -27.99 14.48
CA SER A 253 -12.39 -28.75 14.76
C SER A 253 -13.44 -28.27 13.77
N TRP A 254 -14.55 -28.99 13.72
CA TRP A 254 -15.64 -28.55 12.89
C TRP A 254 -16.14 -27.15 13.27
N LYS A 255 -16.36 -26.92 14.56
CA LYS A 255 -16.81 -25.59 15.00
C LYS A 255 -15.84 -24.48 14.62
N ARG A 256 -14.55 -24.72 14.84
CA ARG A 256 -13.53 -23.73 14.47
C ARG A 256 -13.57 -23.55 12.95
N GLY A 257 -13.82 -24.62 12.22
CA GLY A 257 -13.90 -24.50 10.76
C GLY A 257 -15.06 -23.61 10.31
N LEU A 258 -16.21 -23.78 10.94
CA LEU A 258 -17.38 -22.96 10.62
C LEU A 258 -17.04 -21.47 10.92
N GLN A 259 -16.42 -21.23 12.07
CA GLN A 259 -16.07 -19.85 12.43
C GLN A 259 -15.04 -19.25 11.52
N LEU A 260 -14.04 -20.04 11.16
CA LEU A 260 -13.05 -19.58 10.18
C LEU A 260 -13.74 -19.24 8.85
N ASN A 261 -14.66 -20.10 8.42
CA ASN A 261 -15.44 -19.86 7.20
C ASN A 261 -16.10 -18.48 7.29
N TYR A 262 -16.76 -18.19 8.41
CA TYR A 262 -17.49 -16.92 8.52
C TYR A 262 -16.50 -15.74 8.51
N ASN A 263 -15.37 -15.89 9.21
CA ASN A 263 -14.37 -14.81 9.19
C ASN A 263 -13.83 -14.51 7.80
N VAL A 264 -13.38 -15.55 7.13
CA VAL A 264 -12.79 -15.44 5.80
C VAL A 264 -13.79 -15.01 4.72
N THR A 265 -15.00 -15.56 4.77
CA THR A 265 -16.00 -15.19 3.78
C THR A 265 -16.27 -13.70 3.85
N ARG A 266 -16.28 -13.14 5.06
CA ARG A 266 -16.59 -11.70 5.15
CA ARG A 266 -16.60 -11.70 5.13
C ARG A 266 -15.52 -10.89 4.41
N LEU A 267 -14.28 -11.32 4.50
CA LEU A 267 -13.19 -10.60 3.85
C LEU A 267 -13.29 -10.80 2.35
N GLU A 268 -13.60 -12.02 1.94
CA GLU A 268 -13.82 -12.29 0.51
C GLU A 268 -14.99 -11.51 -0.09
N GLU A 269 -16.07 -11.33 0.68
CA GLU A 269 -17.25 -10.63 0.16
C GLU A 269 -16.94 -9.11 0.08
N TRP A 270 -16.13 -8.62 1.00
CA TRP A 270 -15.68 -7.24 0.93
C TRP A 270 -14.91 -7.02 -0.40
N CYS A 271 -14.02 -7.95 -0.73
CA CYS A 271 -13.24 -7.89 -1.99
C CYS A 271 -14.15 -7.78 -3.18
N LYS A 272 -15.22 -8.56 -3.16
CA LYS A 272 -16.16 -8.55 -4.25
C LYS A 272 -16.89 -7.21 -4.46
N THR A 273 -17.12 -6.45 -3.41
CA THR A 273 -17.84 -5.20 -3.62
C THR A 273 -16.91 -4.01 -3.73
N HIS A 274 -15.61 -4.27 -3.66
CA HIS A 274 -14.64 -3.17 -3.65
C HIS A 274 -13.63 -3.28 -4.76
N GLY A 275 -14.07 -3.85 -5.88
CA GLY A 275 -13.27 -3.76 -7.09
C GLY A 275 -12.33 -4.91 -7.37
N LEU A 276 -12.20 -5.85 -6.45
CA LEU A 276 -11.30 -6.94 -6.71
C LEU A 276 -12.05 -8.13 -7.28
N THR A 277 -11.41 -8.86 -8.19
CA THR A 277 -12.01 -10.08 -8.70
C THR A 277 -11.14 -11.26 -8.33
N ASP A 278 -9.99 -10.96 -7.73
CA ASP A 278 -9.01 -11.99 -7.39
C ASP A 278 -8.82 -12.17 -5.89
N GLY A 279 -9.69 -11.55 -5.10
CA GLY A 279 -9.64 -11.71 -3.65
C GLY A 279 -9.76 -13.17 -3.24
N THR A 280 -10.64 -13.91 -3.90
CA THR A 280 -10.81 -15.33 -3.62
C THR A 280 -9.48 -16.06 -3.82
N GLU A 281 -8.77 -15.73 -4.89
CA GLU A 281 -7.47 -16.38 -5.16
C GLU A 281 -6.40 -16.06 -4.08
N CYS A 282 -6.34 -14.81 -3.63
CA CYS A 282 -5.43 -14.44 -2.55
C CYS A 282 -5.70 -15.18 -1.22
N LEU A 283 -6.91 -15.69 -1.00
CA LEU A 283 -7.24 -16.21 0.35
C LEU A 283 -7.41 -17.72 0.32
N GLN A 284 -6.93 -18.32 -0.76
CA GLN A 284 -7.28 -19.71 -1.00
C GLN A 284 -6.79 -20.65 0.11
N HIS A 285 -5.69 -20.35 0.77
CA HIS A 285 -5.24 -21.32 1.77
C HIS A 285 -6.15 -21.30 2.96
N LEU A 286 -6.59 -20.13 3.35
CA LEU A 286 -7.59 -20.02 4.45
C LEU A 286 -8.94 -20.60 4.03
N ILE A 287 -9.36 -20.27 2.81
CA ILE A 287 -10.67 -20.79 2.36
C ILE A 287 -10.62 -22.35 2.35
N GLN A 288 -9.55 -22.89 1.78
CA GLN A 288 -9.48 -24.35 1.64
C GLN A 288 -9.31 -25.02 3.01
N THR A 289 -8.62 -24.35 3.93
CA THR A 289 -8.52 -24.91 5.28
C THR A 289 -9.88 -24.99 5.96
N ALA A 290 -10.65 -23.90 5.87
CA ALA A 290 -12.02 -23.89 6.39
C ALA A 290 -12.82 -25.04 5.81
N LYS A 291 -12.67 -25.28 4.50
CA LYS A 291 -13.43 -26.40 3.88
C LYS A 291 -12.98 -27.74 4.47
N LEU A 292 -11.67 -27.89 4.61
CA LEU A 292 -11.10 -29.13 5.08
C LEU A 292 -11.67 -29.43 6.47
N LEU A 293 -11.82 -28.39 7.26
CA LEU A 293 -12.26 -28.54 8.64
C LEU A 293 -13.76 -28.88 8.71
N GLN A 294 -14.46 -28.74 7.59
CA GLN A 294 -15.91 -28.94 7.61
C GLN A 294 -16.39 -30.15 6.87
N VAL A 295 -15.68 -30.56 5.82
CA VAL A 295 -16.21 -31.66 4.99
C VAL A 295 -15.95 -33.03 5.66
N ARG A 296 -16.67 -34.03 5.19
CA ARG A 296 -16.54 -35.37 5.73
C ARG A 296 -15.16 -35.91 5.41
N LYS A 297 -14.57 -36.55 6.40
CA LYS A 297 -13.24 -37.10 6.32
C LYS A 297 -13.26 -38.57 6.78
N TYR A 298 -14.15 -39.39 6.20
CA TYR A 298 -14.34 -40.75 6.72
C TYR A 298 -14.05 -41.88 5.75
N THR A 299 -14.16 -41.62 4.45
CA THR A 299 -13.85 -42.64 3.46
C THR A 299 -12.67 -42.23 2.57
N ILE A 300 -12.05 -43.22 1.95
CA ILE A 300 -11.03 -42.98 0.95
C ILE A 300 -11.47 -41.95 -0.09
N GLU A 301 -12.67 -42.15 -0.62
CA GLU A 301 -13.18 -41.21 -1.62
C GLU A 301 -13.32 -39.79 -1.06
N ASP A 302 -13.71 -39.69 0.21
CA ASP A 302 -13.77 -38.39 0.89
C ASP A 302 -12.42 -37.69 0.76
N ILE A 303 -11.37 -38.46 0.96
CA ILE A 303 -10.03 -37.89 0.94
C ILE A 303 -9.66 -37.53 -0.49
N ASP A 304 -10.01 -38.37 -1.47
CA ASP A 304 -9.71 -38.02 -2.86
C ASP A 304 -10.46 -36.76 -3.28
N ILE A 305 -11.70 -36.61 -2.81
CA ILE A 305 -12.47 -35.40 -3.12
C ILE A 305 -11.87 -34.16 -2.43
N LEU A 306 -11.50 -34.32 -1.17
CA LEU A 306 -10.89 -33.26 -0.39
C LEU A 306 -9.62 -32.74 -1.07
N ARG A 307 -8.86 -33.65 -1.67
CA ARG A 307 -7.65 -33.23 -2.37
C ARG A 307 -7.94 -32.31 -3.55
N GLY A 308 -9.01 -32.60 -4.30
CA GLY A 308 -9.43 -31.73 -5.38
C GLY A 308 -9.99 -30.40 -4.91
N ILE A 309 -10.69 -30.41 -3.77
CA ILE A 309 -11.17 -29.16 -3.20
C ILE A 309 -9.99 -28.30 -2.72
N CYS A 310 -9.01 -28.96 -2.10
CA CYS A 310 -7.87 -28.27 -1.50
C CYS A 310 -6.68 -28.20 -2.44
N TYR A 311 -6.90 -27.74 -3.67
CA TYR A 311 -5.86 -27.78 -4.70
C TYR A 311 -4.68 -26.86 -4.39
N SER A 312 -4.80 -26.02 -3.35
CA SER A 312 -3.67 -25.17 -3.00
C SER A 312 -2.87 -25.70 -1.81
N LEU A 313 -3.30 -26.84 -1.29
CA LEU A 313 -2.64 -27.40 -0.12
C LEU A 313 -1.85 -28.62 -0.56
N THR A 314 -0.66 -28.79 -0.01
CA THR A 314 0.17 -29.97 -0.34
C THR A 314 -0.28 -31.17 0.46
N PRO A 315 0.10 -32.37 0.03
CA PRO A 315 -0.30 -33.50 0.87
C PRO A 315 0.22 -33.40 2.33
N ALA A 316 1.44 -32.88 2.52
CA ALA A 316 1.98 -32.77 3.88
C ALA A 316 1.14 -31.80 4.71
N GLN A 317 0.63 -30.74 4.08
CA GLN A 317 -0.27 -29.80 4.77
C GLN A 317 -1.61 -30.46 5.09
N LEU A 318 -2.18 -31.18 4.14
CA LEU A 318 -3.40 -31.95 4.39
C LEU A 318 -3.20 -32.85 5.59
N GLN A 319 -2.02 -33.49 5.64
CA GLN A 319 -1.80 -34.46 6.71
C GLN A 319 -1.73 -33.81 8.09
N LYS A 320 -1.01 -32.68 8.21
CA LYS A 320 -0.94 -31.95 9.47
C LYS A 320 -2.33 -31.53 9.94
N LEU A 321 -3.11 -30.99 9.01
CA LEU A 321 -4.42 -30.48 9.37
C LEU A 321 -5.34 -31.62 9.79
N ILE A 322 -5.35 -32.68 8.98
CA ILE A 322 -6.19 -33.84 9.30
C ILE A 322 -5.73 -34.53 10.59
N SER A 323 -4.40 -34.68 10.77
CA SER A 323 -3.96 -35.46 11.95
C SER A 323 -4.18 -34.62 13.21
N GLN A 324 -4.26 -33.29 13.06
CA GLN A 324 -4.50 -32.42 14.23
C GLN A 324 -5.96 -32.07 14.46
N TYR A 325 -6.83 -32.54 13.57
CA TYR A 325 -8.27 -32.28 13.69
C TYR A 325 -8.84 -32.77 15.02
N GLN A 326 -9.61 -31.97 15.74
CA GLN A 326 -10.12 -32.45 17.06
C GLN A 326 -11.61 -32.80 17.00
N VAL A 327 -11.94 -34.07 17.13
CA VAL A 327 -13.32 -34.55 17.09
CA VAL A 327 -13.35 -34.49 17.05
C VAL A 327 -14.11 -34.05 18.30
N ALA A 328 -15.36 -33.66 18.09
CA ALA A 328 -16.22 -33.28 19.19
C ALA A 328 -16.84 -34.56 19.82
N ASP A 329 -17.40 -34.37 20.99
CA ASP A 329 -18.22 -35.43 21.60
C ASP A 329 -19.32 -35.83 20.60
N TYR A 330 -19.57 -37.12 20.47
CA TYR A 330 -20.64 -37.65 19.58
C TYR A 330 -20.29 -37.54 18.10
N GLU A 331 -19.09 -37.06 17.78
CA GLU A 331 -18.61 -37.03 16.38
C GLU A 331 -17.73 -38.27 16.12
N SER A 332 -17.87 -38.92 14.97
CA SER A 332 -17.09 -40.14 14.70
C SER A 332 -15.62 -39.82 14.56
N PRO A 333 -14.73 -40.63 15.15
CA PRO A 333 -13.28 -40.37 14.97
C PRO A 333 -12.88 -40.55 13.51
N ILE A 334 -11.83 -39.86 13.06
CA ILE A 334 -11.28 -40.14 11.74
C ILE A 334 -10.63 -41.53 11.73
N PRO A 335 -11.10 -42.44 10.87
CA PRO A 335 -10.62 -43.83 10.93
C PRO A 335 -9.12 -43.96 10.64
N GLN A 336 -8.51 -45.00 11.20
CA GLN A 336 -7.08 -45.22 11.04
C GLN A 336 -6.75 -45.42 9.58
N GLU A 337 -7.62 -46.18 8.92
CA GLU A 337 -7.56 -46.41 7.48
C GLU A 337 -7.35 -45.08 6.70
N ILE A 338 -8.03 -44.03 7.12
CA ILE A 338 -7.94 -42.78 6.40
C ILE A 338 -6.61 -42.06 6.76
N LEU A 339 -6.21 -42.13 8.03
CA LEU A 339 -4.94 -41.52 8.44
C LEU A 339 -3.76 -42.18 7.71
N ARG A 340 -3.80 -43.49 7.53
CA ARG A 340 -2.69 -44.14 6.86
C ARG A 340 -2.76 -43.89 5.37
N TYR A 341 -3.97 -43.74 4.83
CA TYR A 341 -4.11 -43.38 3.42
C TYR A 341 -3.44 -42.04 3.14
N VAL A 342 -3.73 -41.06 3.99
CA VAL A 342 -3.15 -39.75 3.85
C VAL A 342 -1.61 -39.80 3.99
N ALA A 343 -1.14 -40.50 5.02
CA ALA A 343 0.30 -40.62 5.29
C ALA A 343 1.02 -41.27 4.12
N ASP A 344 0.34 -42.22 3.48
CA ASP A 344 0.89 -42.87 2.30
C ASP A 344 0.89 -41.94 1.09
N ILE A 345 -0.09 -41.04 0.98
CA ILE A 345 -0.07 -40.09 -0.13
C ILE A 345 1.13 -39.15 0.05
N VAL A 346 1.39 -38.81 1.31
CA VAL A 346 2.53 -37.95 1.61
C VAL A 346 3.85 -38.69 1.32
N LYS A 347 4.01 -39.90 1.83
CA LYS A 347 5.26 -40.61 1.62
C LYS A 347 5.46 -40.89 0.12
N LYS A 348 4.37 -41.09 -0.61
CA LYS A 348 4.45 -41.31 -2.05
C LYS A 348 5.00 -40.09 -2.77
N GLU A 349 4.36 -38.94 -2.58
CA GLU A 349 4.73 -37.75 -3.33
C GLU A 349 6.11 -37.23 -2.92
N ALA A 350 6.55 -37.61 -1.73
CA ALA A 350 7.90 -37.34 -1.26
C ALA A 350 8.92 -38.20 -2.03
N ALA A 351 8.55 -39.45 -2.26
CA ALA A 351 9.41 -40.39 -2.97
C ALA A 351 9.49 -40.10 -4.47
N LEU A 352 8.83 -39.02 -4.90
CA LEU A 352 8.81 -38.63 -6.30
C LEU A 352 9.73 -37.44 -6.56
N SER A 353 10.80 -37.33 -5.78
CA SER A 353 11.78 -36.26 -5.97
C SER A 353 12.80 -36.64 -7.05
N SER A 367 8.62 -27.16 3.11
CA SER A 367 8.03 -26.78 4.37
C SER A 367 6.52 -26.92 4.34
N ILE A 368 5.91 -27.06 5.51
CA ILE A 368 4.46 -27.02 5.62
C ILE A 368 3.96 -25.57 5.71
N PHE A 369 4.88 -24.61 5.87
CA PHE A 369 4.48 -23.20 6.05
C PHE A 369 4.44 -22.50 4.69
N ILE A 370 3.64 -21.45 4.59
CA ILE A 370 3.70 -20.59 3.42
C ILE A 370 4.64 -19.44 3.76
N THR A 371 5.64 -19.21 2.94
CA THR A 371 6.51 -18.06 3.17
C THR A 371 5.79 -16.72 2.91
N PRO A 372 5.64 -15.86 3.95
CA PRO A 372 4.97 -14.57 3.70
C PRO A 372 5.83 -13.71 2.75
N GLU A 373 5.19 -12.96 1.86
CA GLU A 373 5.97 -12.10 0.94
C GLU A 373 6.25 -10.80 1.65
N THR A 374 7.51 -10.48 1.87
CA THR A 374 7.82 -9.29 2.63
C THR A 374 8.53 -8.25 1.77
N GLY A 375 8.75 -8.57 0.51
CA GLY A 375 9.24 -7.59 -0.44
C GLY A 375 10.76 -7.56 -0.49
N PRO A 376 11.35 -6.52 -1.07
CA PRO A 376 10.63 -5.32 -1.55
C PRO A 376 9.75 -5.55 -2.73
N PHE A 377 8.76 -4.68 -2.90
CA PHE A 377 7.76 -4.83 -3.93
C PHE A 377 7.93 -3.86 -5.07
N THR A 378 7.56 -4.30 -6.27
CA THR A 378 7.47 -3.42 -7.43
C THR A 378 6.57 -2.22 -7.10
N ASP A 379 6.98 -1.01 -7.48
CA ASP A 379 6.17 0.15 -7.22
C ASP A 379 5.06 0.16 -8.29
N PRO A 380 3.79 0.01 -7.90
CA PRO A 380 2.78 -0.16 -8.97
C PRO A 380 2.60 1.17 -9.75
N PHE A 381 2.94 2.29 -9.13
CA PHE A 381 2.96 3.60 -9.88
C PHE A 381 3.89 3.55 -11.08
N SER A 382 4.98 2.80 -10.95
CA SER A 382 6.04 2.85 -11.98
C SER A 382 5.55 2.13 -13.25
N LEU A 383 4.42 1.43 -13.13
CA LEU A 383 3.93 0.60 -14.22
C LEU A 383 2.87 1.33 -15.05
N ILE A 384 2.47 2.52 -14.61
CA ILE A 384 1.41 3.20 -15.33
C ILE A 384 1.88 4.59 -15.79
N LYS A 385 1.21 5.08 -16.81
CA LYS A 385 1.55 6.34 -17.47
C LYS A 385 1.43 7.44 -16.47
N THR A 386 2.33 8.42 -16.52
CA THR A 386 2.29 9.49 -15.54
C THR A 386 1.16 10.48 -15.81
N ARG A 387 0.89 11.26 -14.78
CA ARG A 387 -0.13 12.29 -14.82
C ARG A 387 0.21 13.37 -15.88
N LYS A 388 -0.56 13.44 -16.95
CA LYS A 388 -0.34 14.49 -17.96
C LYS A 388 -0.54 15.85 -17.30
N PHE A 389 0.43 16.75 -17.45
CA PHE A 389 0.39 17.98 -16.68
C PHE A 389 -0.27 19.13 -17.40
N ASP A 390 -1.37 19.59 -16.83
CA ASP A 390 -1.98 20.82 -17.26
C ASP A 390 -1.62 21.85 -16.21
N GLN A 391 -1.15 23.00 -16.66
CA GLN A 391 -0.65 24.02 -15.75
C GLN A 391 -1.79 24.54 -14.89
N VAL A 392 -1.70 24.33 -13.58
CA VAL A 392 -2.76 24.76 -12.67
C VAL A 392 -2.38 26.04 -11.91
N GLU A 393 -3.36 26.93 -11.77
CA GLU A 393 -3.22 28.16 -10.98
C GLU A 393 -2.42 27.95 -9.68
N ALA A 394 -1.60 28.96 -9.37
CA ALA A 394 -0.79 28.98 -8.15
C ALA A 394 -1.67 29.05 -6.92
N TYR A 395 -1.65 27.99 -6.10
CA TYR A 395 -2.50 27.92 -4.90
C TYR A 395 -1.76 27.39 -3.67
N ILE A 396 -2.02 28.02 -2.53
CA ILE A 396 -1.46 27.58 -1.25
C ILE A 396 -2.50 27.77 -0.15
N PRO A 397 -2.86 26.69 0.57
CA PRO A 397 -3.95 26.69 1.55
C PRO A 397 -3.87 27.74 2.65
N ALA A 398 -4.93 27.82 3.47
CA ALA A 398 -5.18 28.96 4.36
C ALA A 398 -4.65 28.73 5.77
N TRP A 399 -4.73 27.50 6.24
CA TRP A 399 -4.19 27.22 7.54
C TRP A 399 -2.65 27.29 7.51
N LEU A 400 -2.03 27.34 6.32
CA LEU A 400 -0.57 27.33 6.29
C LEU A 400 -0.01 28.66 6.75
N SER A 401 1.14 28.60 7.42
CA SER A 401 1.88 29.81 7.71
C SER A 401 3.30 29.72 7.17
N LEU A 402 3.46 30.07 5.90
CA LEU A 402 4.74 30.02 5.20
C LEU A 402 5.00 31.34 4.46
N PRO A 403 5.54 32.32 5.17
CA PRO A 403 5.62 33.70 4.64
C PRO A 403 6.28 33.81 3.26
N SER A 404 7.48 33.27 3.14
CA SER A 404 8.22 33.40 1.88
C SER A 404 7.56 32.59 0.78
N THR A 405 7.14 31.39 1.14
CA THR A 405 6.58 30.50 0.16
C THR A 405 5.32 31.11 -0.38
N LYS A 406 4.50 31.65 0.51
CA LYS A 406 3.25 32.27 0.12
C LYS A 406 3.50 33.52 -0.75
N ARG A 407 4.57 34.25 -0.45
CA ARG A 407 4.80 35.47 -1.27
C ARG A 407 5.20 35.05 -2.68
N ILE A 408 6.02 34.00 -2.78
CA ILE A 408 6.41 33.48 -4.08
C ILE A 408 5.18 33.08 -4.88
N VAL A 409 4.32 32.28 -4.26
CA VAL A 409 3.13 31.85 -4.96
C VAL A 409 2.25 33.02 -5.36
N ASP A 410 2.12 34.02 -4.49
CA ASP A 410 1.32 35.20 -4.84
C ASP A 410 1.94 35.98 -6.00
N LEU A 411 3.27 36.05 -6.02
CA LEU A 411 3.94 36.84 -7.06
C LEU A 411 3.84 36.10 -8.38
N VAL A 412 4.05 34.79 -8.36
CA VAL A 412 3.87 33.98 -9.56
C VAL A 412 2.46 34.18 -10.10
N ALA A 413 1.49 34.07 -9.19
CA ALA A 413 0.08 34.25 -9.55
C ALA A 413 -0.19 35.61 -10.20
N GLN A 414 0.52 36.65 -9.76
CA GLN A 414 0.32 38.00 -10.35
C GLN A 414 0.82 38.08 -11.78
N GLN A 415 1.85 37.31 -12.11
CA GLN A 415 2.41 37.33 -13.46
C GLN A 415 1.49 36.72 -14.48
N VAL A 416 0.46 36.03 -14.01
CA VAL A 416 -0.51 35.42 -14.89
C VAL A 416 -1.46 36.48 -15.45
#